data_3AHA
#
_entry.id   3AHA
#
_cell.length_a   88.632
_cell.length_b   50.479
_cell.length_c   56.154
_cell.angle_alpha   90.00
_cell.angle_beta   90.88
_cell.angle_gamma   90.00
#
_symmetry.space_group_name_H-M   'C 1 2 1'
#
loop_
_entity.id
_entity.type
_entity.pdbx_description
1 polymer 'Transmembrane protein gp41'
2 polymer 'Transmembrane protein gp41'
3 non-polymer (4S)-2-METHYL-2,4-PENTANEDIOL
4 non-polymer 'CHLORIDE ION'
5 water water
#
loop_
_entity_poly.entity_id
_entity_poly.type
_entity_poly.pdbx_seq_one_letter_code
_entity_poly.pdbx_strand_id
1 'polypeptide(L)' (ACE)SDIVQQQNNLLRAIEAQQHLLQLTVWGIKQLQARIL(NH2) A,C,E
2 'polypeptide(L)' (ACE)WMEWDREINKYTSLIHSLIEQSQNQQEKNEQELL(NH2) B,D,F
#
loop_
_chem_comp.id
_chem_comp.type
_chem_comp.name
_chem_comp.formula
ACE non-polymer 'ACETYL GROUP' 'C2 H4 O'
CL non-polymer 'CHLORIDE ION' 'Cl -1'
MPD non-polymer (4S)-2-METHYL-2,4-PENTANEDIOL 'C6 H14 O2'
NH2 non-polymer 'AMINO GROUP' 'H2 N'
#
# COMPACT_ATOMS: atom_id res chain seq x y z
C ACE A 1 -14.34 14.40 -12.53
O ACE A 1 -13.51 13.65 -12.03
CH3 ACE A 1 -15.53 13.83 -13.26
N SER A 2 -14.30 15.73 -12.41
CA SER A 2 -13.16 16.48 -11.85
C SER A 2 -12.77 15.98 -10.44
N ASP A 3 -13.76 15.85 -9.56
CA ASP A 3 -13.51 15.43 -8.18
C ASP A 3 -13.17 13.94 -8.06
N ILE A 4 -13.62 13.14 -9.02
CA ILE A 4 -13.23 11.72 -9.07
C ILE A 4 -11.76 11.63 -9.47
N VAL A 5 -11.38 12.39 -10.50
CA VAL A 5 -9.98 12.42 -10.95
C VAL A 5 -9.06 12.93 -9.83
N GLN A 6 -9.52 13.95 -9.10
CA GLN A 6 -8.78 14.49 -7.94
C GLN A 6 -8.58 13.39 -6.89
N GLN A 7 -9.63 12.62 -6.64
CA GLN A 7 -9.51 11.51 -5.67
C GLN A 7 -8.52 10.44 -6.13
N GLN A 8 -8.50 10.14 -7.44
CA GLN A 8 -7.47 9.22 -7.97
C GLN A 8 -6.06 9.78 -7.79
N ASN A 9 -5.88 11.08 -7.99
CA ASN A 9 -4.58 11.73 -7.70
C ASN A 9 -4.18 11.49 -6.23
N ASN A 10 -5.13 11.70 -5.31
CA ASN A 10 -4.92 11.47 -3.88
C ASN A 10 -4.47 10.03 -3.60
N LEU A 11 -5.20 9.05 -4.12
CA LEU A 11 -4.91 7.64 -3.81
C LEU A 11 -3.59 7.21 -4.43
N LEU A 12 -3.28 7.70 -5.63
CA LEU A 12 -1.99 7.39 -6.25
C LEU A 12 -0.84 7.95 -5.41
N ARG A 13 -1.00 9.18 -4.95
CA ARG A 13 -0.01 9.79 -4.04
C ARG A 13 0.18 8.96 -2.77
N ALA A 14 -0.92 8.43 -2.23
CA ALA A 14 -0.87 7.60 -1.02
C ALA A 14 -0.09 6.30 -1.31
N ILE A 15 -0.39 5.68 -2.45
CA ILE A 15 0.29 4.46 -2.88
C ILE A 15 1.80 4.71 -3.04
N GLU A 16 2.15 5.84 -3.64
CA GLU A 16 3.55 6.21 -3.86
C GLU A 16 4.30 6.38 -2.54
N ALA A 17 3.68 7.07 -1.59
CA ALA A 17 4.27 7.26 -0.27
C ALA A 17 4.42 5.91 0.45
N GLN A 18 3.41 5.06 0.34
CA GLN A 18 3.46 3.74 0.95
C GLN A 18 4.58 2.89 0.31
N GLN A 19 4.82 3.08 -0.98
CA GLN A 19 5.93 2.37 -1.63
C GLN A 19 7.30 2.79 -1.06
N HIS A 20 7.47 4.08 -0.77
CA HIS A 20 8.67 4.55 -0.09
C HIS A 20 8.84 3.88 1.27
N LEU A 21 7.76 3.78 2.04
CA LEU A 21 7.81 3.07 3.32
C LEU A 21 8.18 1.58 3.15
N LEU A 22 7.56 0.92 2.18
CA LEU A 22 7.89 -0.47 1.87
C LEU A 22 9.36 -0.65 1.51
N GLN A 23 9.88 0.20 0.63
CA GLN A 23 11.31 0.13 0.30
C GLN A 23 12.20 0.29 1.54
N LEU A 24 11.82 1.21 2.44
CA LEU A 24 12.54 1.37 3.71
C LEU A 24 12.50 0.10 4.57
N THR A 25 11.34 -0.54 4.67
CA THR A 25 11.25 -1.77 5.49
C THR A 25 12.07 -2.90 4.86
N VAL A 26 12.07 -2.99 3.51
CA VAL A 26 12.91 -4.00 2.82
C VAL A 26 14.40 -3.76 3.13
N TRP A 27 14.85 -2.51 3.00
CA TRP A 27 16.24 -2.15 3.33
C TRP A 27 16.60 -2.59 4.75
N GLY A 28 15.71 -2.28 5.70
CA GLY A 28 15.92 -2.59 7.13
C GLY A 28 16.05 -4.09 7.37
N ILE A 29 15.16 -4.86 6.76
CA ILE A 29 15.22 -6.32 6.93
C ILE A 29 16.51 -6.89 6.34
N LYS A 30 16.90 -6.38 5.18
CA LYS A 30 18.14 -6.85 4.53
C LYS A 30 19.38 -6.58 5.39
N GLN A 31 19.40 -5.42 6.04
CA GLN A 31 20.53 -5.07 6.90
C GLN A 31 20.59 -6.02 8.10
N LEU A 32 19.42 -6.27 8.70
CA LEU A 32 19.34 -7.14 9.87
C LEU A 32 19.67 -8.58 9.47
N GLN A 33 19.18 -9.02 8.32
CA GLN A 33 19.47 -10.37 7.82
C GLN A 33 20.97 -10.58 7.64
N ALA A 34 21.64 -9.59 7.03
CA ALA A 34 23.09 -9.69 6.80
C ALA A 34 23.85 -9.87 8.10
N ARG A 35 23.35 -9.27 9.17
CA ARG A 35 24.03 -9.32 10.45
C ARG A 35 23.71 -10.56 11.29
N ILE A 36 22.44 -10.96 11.34
CA ILE A 36 22.04 -12.11 12.17
C ILE A 36 22.26 -13.45 11.48
N LEU A 37 22.88 -13.58 10.31
CA LEU A 37 23.36 -14.69 9.50
C LEU A 37 24.86 -14.72 9.49
N NH2 A 38 25.55 -13.58 9.67
C ACE B 1 20.94 4.45 8.45
O ACE B 1 19.91 5.00 8.03
CH3 ACE B 1 22.15 4.29 7.56
N TRP B 2 21.04 3.92 9.67
CA TRP B 2 19.86 3.83 10.55
C TRP B 2 19.31 5.18 11.01
N MET B 3 20.19 6.19 11.18
CA MET B 3 19.69 7.53 11.54
C MET B 3 18.82 8.12 10.43
N GLU B 4 19.29 8.00 9.19
CA GLU B 4 18.51 8.45 8.01
C GLU B 4 17.21 7.65 7.86
N TRP B 5 17.32 6.34 8.05
CA TRP B 5 16.16 5.44 8.00
C TRP B 5 15.04 5.93 8.93
N ASP B 6 15.40 6.18 10.18
CA ASP B 6 14.46 6.70 11.18
C ASP B 6 13.82 8.01 10.72
N ARG B 7 14.63 8.92 10.19
CA ARG B 7 14.16 10.22 9.69
C ARG B 7 13.14 10.04 8.56
N GLU B 8 13.46 9.15 7.64
CA GLU B 8 12.60 8.90 6.48
C GLU B 8 11.32 8.17 6.87
N ILE B 9 11.40 7.23 7.80
CA ILE B 9 10.19 6.57 8.30
C ILE B 9 9.20 7.63 8.85
N ASN B 10 9.72 8.55 9.66
CA ASN B 10 8.91 9.64 10.21
C ASN B 10 8.31 10.53 9.13
N LYS B 11 9.11 10.88 8.13
CA LYS B 11 8.66 11.76 7.04
C LYS B 11 7.49 11.13 6.26
N TYR B 12 7.67 9.89 5.82
CA TYR B 12 6.66 9.22 4.99
C TYR B 12 5.42 8.84 5.77
N THR B 13 5.58 8.49 7.05
CA THR B 13 4.42 8.17 7.89
C THR B 13 3.53 9.40 8.04
N SER B 14 4.15 10.55 8.33
CA SER B 14 3.40 11.80 8.44
C SER B 14 2.68 12.13 7.13
N LEU B 15 3.40 11.99 6.01
CA LEU B 15 2.83 12.28 4.70
C LEU B 15 1.63 11.36 4.39
N ILE B 16 1.77 10.06 4.66
CA ILE B 16 0.65 9.12 4.39
C ILE B 16 -0.56 9.45 5.24
N HIS B 17 -0.33 9.80 6.50
CA HIS B 17 -1.42 10.16 7.39
C HIS B 17 -2.17 11.38 6.83
N SER B 18 -1.42 12.37 6.36
CA SER B 18 -2.01 13.57 5.77
C SER B 18 -2.79 13.25 4.47
N LEU B 19 -2.20 12.40 3.64
CA LEU B 19 -2.88 11.98 2.40
C LEU B 19 -4.16 11.20 2.68
N ILE B 20 -4.13 10.31 3.69
CA ILE B 20 -5.35 9.58 4.08
C ILE B 20 -6.46 10.52 4.56
N GLU B 21 -6.10 11.48 5.41
CA GLU B 21 -7.07 12.50 5.87
C GLU B 21 -7.67 13.28 4.70
N GLN B 22 -6.83 13.70 3.76
CA GLN B 22 -7.26 14.45 2.58
C GLN B 22 -8.22 13.61 1.75
N SER B 23 -7.87 12.33 1.56
CA SER B 23 -8.69 11.41 0.78
C SER B 23 -10.06 11.15 1.45
N GLN B 24 -10.06 11.04 2.78
CA GLN B 24 -11.32 10.86 3.52
C GLN B 24 -12.23 12.07 3.30
N ASN B 25 -11.64 13.25 3.41
CA ASN B 25 -12.36 14.50 3.18
C ASN B 25 -12.92 14.58 1.76
N GLN B 26 -12.10 14.22 0.77
CA GLN B 26 -12.56 14.23 -0.62
C GLN B 26 -13.66 13.18 -0.89
N GLN B 27 -13.57 12.02 -0.24
CA GLN B 27 -14.60 10.99 -0.40
C GLN B 27 -15.96 11.51 0.10
N GLU B 28 -15.94 12.21 1.24
CA GLU B 28 -17.16 12.78 1.81
C GLU B 28 -17.78 13.83 0.88
N LYS B 29 -16.94 14.70 0.35
CA LYS B 29 -17.39 15.74 -0.58
C LYS B 29 -17.98 15.09 -1.83
N ASN B 30 -17.29 14.06 -2.34
CA ASN B 30 -17.75 13.34 -3.53
C ASN B 30 -19.12 12.70 -3.33
N GLU B 31 -19.32 12.08 -2.17
CA GLU B 31 -20.61 11.44 -1.88
C GLU B 31 -21.72 12.50 -1.82
N GLN B 32 -21.43 13.64 -1.18
CA GLN B 32 -22.36 14.77 -1.10
C GLN B 32 -22.78 15.24 -2.50
N GLU B 33 -21.79 15.35 -3.39
CA GLU B 33 -22.03 15.79 -4.76
C GLU B 33 -22.87 14.80 -5.55
N LEU B 34 -22.63 13.51 -5.34
CA LEU B 34 -23.39 12.47 -6.02
C LEU B 34 -24.86 12.49 -5.57
N LEU B 35 -25.08 12.70 -4.26
CA LEU B 35 -26.43 12.71 -3.72
C LEU B 35 -27.17 13.90 -4.26
N NH2 B 36 -26.48 15.02 -4.47
C ACE C 1 -20.84 6.79 -9.74
O ACE C 1 -19.77 6.67 -9.12
CH3 ACE C 1 -20.90 7.64 -10.97
N SER C 2 -22.01 6.34 -9.27
CA SER C 2 -22.17 5.67 -7.97
C SER C 2 -21.17 4.54 -7.76
N ASP C 3 -21.04 3.67 -8.76
CA ASP C 3 -20.18 2.48 -8.63
C ASP C 3 -18.69 2.86 -8.65
N ILE C 4 -18.36 3.94 -9.36
CA ILE C 4 -16.98 4.47 -9.34
C ILE C 4 -16.65 5.04 -7.96
N VAL C 5 -17.56 5.86 -7.41
CA VAL C 5 -17.40 6.44 -6.07
C VAL C 5 -17.22 5.34 -5.01
N GLN C 6 -18.05 4.30 -5.10
CA GLN C 6 -17.97 3.14 -4.19
C GLN C 6 -16.57 2.51 -4.28
N GLN C 7 -16.07 2.35 -5.50
CA GLN C 7 -14.75 1.72 -5.66
C GLN C 7 -13.63 2.59 -5.08
N GLN C 8 -13.76 3.92 -5.15
CA GLN C 8 -12.77 4.80 -4.52
C GLN C 8 -12.77 4.58 -3.01
N ASN C 9 -13.96 4.39 -2.44
CA ASN C 9 -14.05 4.11 -0.99
C ASN C 9 -13.39 2.77 -0.64
N ASN C 10 -13.60 1.76 -1.50
CA ASN C 10 -12.97 0.44 -1.33
C ASN C 10 -11.44 0.55 -1.30
N LEU C 11 -10.89 1.26 -2.28
CA LEU C 11 -9.43 1.36 -2.40
C LEU C 11 -8.85 2.20 -1.25
N LEU C 12 -9.59 3.23 -0.85
CA LEU C 12 -9.16 4.07 0.28
C LEU C 12 -9.07 3.22 1.55
N ARG C 13 -10.11 2.43 1.80
CA ARG C 13 -10.11 1.53 2.94
C ARG C 13 -8.98 0.49 2.90
N ALA C 14 -8.69 -0.05 1.72
CA ALA C 14 -7.57 -0.98 1.57
C ALA C 14 -6.23 -0.32 1.93
N ILE C 15 -6.01 0.88 1.40
CA ILE C 15 -4.82 1.68 1.72
C ILE C 15 -4.70 1.94 3.24
N GLU C 16 -5.83 2.22 3.90
CA GLU C 16 -5.81 2.44 5.35
C GLU C 16 -5.35 1.19 6.09
N ALA C 17 -5.88 0.04 5.71
CA ALA C 17 -5.53 -1.23 6.34
C ALA C 17 -4.04 -1.54 6.08
N GLN C 18 -3.61 -1.33 4.84
CA GLN C 18 -2.20 -1.48 4.45
C GLN C 18 -1.29 -0.62 5.36
N GLN C 19 -1.74 0.60 5.67
CA GLN C 19 -0.94 1.51 6.48
C GLN C 19 -0.76 0.96 7.90
N HIS C 20 -1.81 0.38 8.47
CA HIS C 20 -1.69 -0.27 9.79
C HIS C 20 -0.65 -1.41 9.75
N LEU C 21 -0.69 -2.22 8.69
CA LEU C 21 0.28 -3.31 8.54
C LEU C 21 1.72 -2.78 8.39
N LEU C 22 1.90 -1.72 7.59
CA LEU C 22 3.23 -1.09 7.44
C LEU C 22 3.75 -0.58 8.77
N GLN C 23 2.90 0.08 9.54
CA GLN C 23 3.31 0.54 10.87
C GLN C 23 3.73 -0.62 11.78
N LEU C 24 3.02 -1.75 11.68
CA LEU C 24 3.39 -2.97 12.44
C LEU C 24 4.76 -3.51 12.03
N THR C 25 5.05 -3.51 10.73
CA THR C 25 6.33 -4.05 10.28
C THR C 25 7.48 -3.12 10.74
N VAL C 26 7.23 -1.80 10.74
CA VAL C 26 8.23 -0.84 11.24
C VAL C 26 8.52 -1.12 12.71
N TRP C 27 7.47 -1.35 13.49
CA TRP C 27 7.61 -1.70 14.92
C TRP C 27 8.52 -2.91 15.09
N GLY C 28 8.26 -3.97 14.31
CA GLY C 28 9.03 -5.23 14.41
C GLY C 28 10.50 -5.00 14.10
N ILE C 29 10.77 -4.26 13.02
CA ILE C 29 12.16 -3.97 12.63
C ILE C 29 12.88 -3.20 13.75
N LYS C 30 12.23 -2.15 14.28
CA LYS C 30 12.84 -1.38 15.39
C LYS C 30 13.15 -2.28 16.60
N GLN C 31 12.24 -3.19 16.93
CA GLN C 31 12.45 -4.13 18.06
C GLN C 31 13.67 -5.02 17.85
N LEU C 32 13.87 -5.47 16.62
CA LEU C 32 14.98 -6.36 16.31
C LEU C 32 16.30 -5.58 16.20
N GLN C 33 16.22 -4.33 15.73
CA GLN C 33 17.42 -3.56 15.40
C GLN C 33 18.36 -3.37 16.59
N ALA C 34 17.78 -3.04 17.73
CA ALA C 34 18.55 -2.87 18.96
C ALA C 34 19.45 -4.10 19.20
N ARG C 35 18.83 -5.27 19.20
CA ARG C 35 19.49 -6.53 19.54
C ARG C 35 20.54 -6.95 18.51
N ILE C 36 20.18 -6.92 17.24
CA ILE C 36 21.02 -7.43 16.17
C ILE C 36 22.24 -6.56 15.88
N LEU C 37 22.29 -5.23 15.94
CA LEU C 37 23.38 -4.27 15.84
C LEU C 37 24.28 -4.42 17.03
N NH2 C 38 23.74 -4.67 18.22
C ACE D 1 4.60 -8.35 21.55
O ACE D 1 3.66 -8.09 20.82
CH3 ACE D 1 4.77 -7.65 22.88
N TRP D 2 5.43 -9.39 21.33
CA TRP D 2 5.39 -10.12 20.06
C TRP D 2 4.09 -10.92 19.85
N MET D 3 3.48 -11.41 20.93
CA MET D 3 2.19 -12.08 20.81
C MET D 3 1.09 -11.13 20.32
N GLU D 4 1.12 -9.89 20.81
CA GLU D 4 0.21 -8.83 20.34
C GLU D 4 0.52 -8.47 18.88
N TRP D 5 1.80 -8.31 18.57
CA TRP D 5 2.21 -8.03 17.19
C TRP D 5 1.63 -9.08 16.22
N ASP D 6 1.82 -10.36 16.56
CA ASP D 6 1.32 -11.46 15.73
C ASP D 6 -0.19 -11.39 15.50
N ARG D 7 -0.92 -11.14 16.58
CA ARG D 7 -2.39 -10.99 16.51
C ARG D 7 -2.82 -9.83 15.60
N GLU D 8 -2.15 -8.69 15.76
CA GLU D 8 -2.44 -7.51 14.96
C GLU D 8 -2.14 -7.74 13.47
N ILE D 9 -1.00 -8.37 13.17
CA ILE D 9 -0.68 -8.72 11.79
C ILE D 9 -1.82 -9.57 11.19
N ASN D 10 -2.26 -10.58 11.94
CA ASN D 10 -3.33 -11.49 11.47
C ASN D 10 -4.64 -10.75 11.21
N LYS D 11 -5.01 -9.87 12.14
CA LYS D 11 -6.26 -9.10 12.07
C LYS D 11 -6.27 -8.16 10.85
N TYR D 12 -5.21 -7.38 10.67
CA TYR D 12 -5.15 -6.46 9.53
C TYR D 12 -4.99 -7.21 8.19
N THR D 13 -4.29 -8.34 8.21
CA THR D 13 -4.14 -9.15 6.99
C THR D 13 -5.53 -9.67 6.57
N SER D 14 -6.30 -10.19 7.52
CA SER D 14 -7.65 -10.69 7.21
C SER D 14 -8.53 -9.54 6.66
N LEU D 15 -8.43 -8.37 7.29
CA LEU D 15 -9.17 -7.18 6.87
C LEU D 15 -8.81 -6.77 5.44
N ILE D 16 -7.51 -6.64 5.15
CA ILE D 16 -7.12 -6.18 3.81
C ILE D 16 -7.48 -7.22 2.73
N HIS D 17 -7.40 -8.50 3.08
CA HIS D 17 -7.81 -9.56 2.13
C HIS D 17 -9.30 -9.43 1.78
N SER D 18 -10.14 -9.20 2.77
CA SER D 18 -11.57 -8.96 2.56
C SER D 18 -11.81 -7.74 1.66
N LEU D 19 -11.06 -6.68 1.91
CA LEU D 19 -11.22 -5.43 1.15
C LEU D 19 -10.77 -5.61 -0.29
N ILE D 20 -9.67 -6.35 -0.49
CA ILE D 20 -9.15 -6.62 -1.83
C ILE D 20 -10.16 -7.47 -2.62
N GLU D 21 -10.75 -8.48 -1.96
CA GLU D 21 -11.77 -9.31 -2.60
C GLU D 21 -12.99 -8.47 -3.00
N GLN D 22 -13.46 -7.62 -2.09
CA GLN D 22 -14.56 -6.70 -2.37
C GLN D 22 -14.22 -5.81 -3.56
N SER D 23 -13.00 -5.28 -3.58
CA SER D 23 -12.56 -4.38 -4.66
C SER D 23 -12.47 -5.10 -6.01
N GLN D 24 -12.02 -6.36 -5.98
CA GLN D 24 -11.94 -7.18 -7.19
C GLN D 24 -13.34 -7.38 -7.78
N ASN D 25 -14.29 -7.74 -6.93
CA ASN D 25 -15.68 -7.91 -7.38
C ASN D 25 -16.29 -6.62 -7.95
N GLN D 26 -16.07 -5.51 -7.25
CA GLN D 26 -16.58 -4.20 -7.70
C GLN D 26 -15.95 -3.79 -9.04
N GLN D 27 -14.66 -4.10 -9.19
CA GLN D 27 -13.94 -3.78 -10.42
C GLN D 27 -14.54 -4.52 -11.62
N GLU D 28 -14.77 -5.83 -11.44
CA GLU D 28 -15.41 -6.68 -12.47
C GLU D 28 -16.77 -6.10 -12.89
N LYS D 29 -17.58 -5.70 -11.90
CA LYS D 29 -18.91 -5.15 -12.17
C LYS D 29 -18.79 -3.84 -12.94
N ASN D 30 -17.91 -2.95 -12.46
CA ASN D 30 -17.71 -1.64 -13.08
C ASN D 30 -17.26 -1.76 -14.54
N GLU D 31 -16.35 -2.70 -14.82
CA GLU D 31 -15.86 -2.88 -16.18
C GLU D 31 -16.99 -3.35 -17.10
N GLN D 32 -17.81 -4.28 -16.62
CA GLN D 32 -18.98 -4.75 -17.40
C GLN D 32 -20.01 -3.64 -17.64
N GLU D 33 -20.15 -2.74 -16.67
CA GLU D 33 -21.07 -1.61 -16.80
C GLU D 33 -20.65 -0.58 -17.85
N LEU D 34 -19.38 -0.63 -18.29
CA LEU D 34 -18.91 0.27 -19.35
C LEU D 34 -19.62 0.04 -20.68
N LEU D 35 -20.13 -1.18 -20.87
CA LEU D 35 -20.79 -1.51 -22.13
C LEU D 35 -22.20 -0.99 -22.14
N NH2 D 36 -22.69 -0.36 -21.05
C ACE E 1 -14.74 5.64 -17.76
O ACE E 1 -14.13 5.15 -16.79
CH3 ACE E 1 -15.74 6.74 -17.57
N SER E 2 -14.56 5.20 -19.02
CA SER E 2 -13.66 4.10 -19.34
C SER E 2 -12.25 4.32 -18.76
N ASP E 3 -11.70 5.52 -18.98
CA ASP E 3 -10.34 5.83 -18.53
C ASP E 3 -10.20 5.93 -17.00
N ILE E 4 -11.25 6.36 -16.33
CA ILE E 4 -11.32 6.34 -14.85
C ILE E 4 -11.36 4.90 -14.30
N VAL E 5 -12.20 4.06 -14.89
CA VAL E 5 -12.25 2.64 -14.52
C VAL E 5 -10.91 1.95 -14.80
N GLN E 6 -10.25 2.31 -15.90
CA GLN E 6 -8.91 1.79 -16.20
C GLN E 6 -7.92 2.16 -15.08
N GLN E 7 -8.01 3.41 -14.61
CA GLN E 7 -7.15 3.86 -13.52
C GLN E 7 -7.48 3.09 -12.23
N GLN E 8 -8.75 2.78 -12.00
CA GLN E 8 -9.10 1.99 -10.81
C GLN E 8 -8.48 0.60 -10.86
N ASN E 9 -8.46 -0.01 -12.05
CA ASN E 9 -7.76 -1.30 -12.28
C ASN E 9 -6.26 -1.16 -11.95
N ASN E 10 -5.63 -0.10 -12.46
CA ASN E 10 -4.20 0.20 -12.19
C ASN E 10 -3.95 0.29 -10.68
N LEU E 11 -4.80 1.05 -9.98
CA LEU E 11 -4.55 1.29 -8.55
C LEU E 11 -4.78 0.02 -7.72
N LEU E 12 -5.80 -0.76 -8.09
CA LEU E 12 -6.11 -2.00 -7.36
C LEU E 12 -4.94 -2.98 -7.52
N ARG E 13 -4.42 -3.07 -8.75
CA ARG E 13 -3.28 -3.93 -9.02
C ARG E 13 -2.05 -3.49 -8.22
N ALA E 14 -1.84 -2.17 -8.13
CA ALA E 14 -0.73 -1.64 -7.30
C ALA E 14 -0.90 -2.04 -5.82
N ILE E 15 -2.10 -1.87 -5.29
CA ILE E 15 -2.42 -2.24 -3.89
C ILE E 15 -2.18 -3.72 -3.65
N GLU E 16 -2.60 -4.55 -4.60
CA GLU E 16 -2.41 -6.01 -4.48
C GLU E 16 -0.92 -6.40 -4.47
N ALA E 17 -0.14 -5.82 -5.38
CA ALA E 17 1.31 -6.09 -5.45
C ALA E 17 2.01 -5.61 -4.17
N GLN E 18 1.63 -4.42 -3.71
CA GLN E 18 2.17 -3.89 -2.45
C GLN E 18 1.86 -4.83 -1.27
N GLN E 19 0.66 -5.42 -1.27
CA GLN E 19 0.26 -6.33 -0.22
C GLN E 19 1.14 -7.59 -0.25
N HIS E 20 1.45 -8.08 -1.45
CA HIS E 20 2.39 -9.21 -1.61
C HIS E 20 3.74 -8.87 -0.96
N LEU E 21 4.25 -7.69 -1.29
CA LEU E 21 5.54 -7.23 -0.78
C LEU E 21 5.48 -7.09 0.75
N LEU E 22 4.38 -6.54 1.25
CA LEU E 22 4.14 -6.46 2.69
C LEU E 22 4.25 -7.86 3.33
N GLN E 23 3.56 -8.83 2.74
CA GLN E 23 3.58 -10.19 3.29
C GLN E 23 4.98 -10.83 3.30
N LEU E 24 5.78 -10.50 2.29
CA LEU E 24 7.19 -10.90 2.25
C LEU E 24 7.96 -10.28 3.43
N THR E 25 7.69 -9.01 3.74
CA THR E 25 8.40 -8.38 4.84
C THR E 25 8.00 -9.00 6.19
N VAL E 26 6.73 -9.38 6.32
CA VAL E 26 6.24 -10.07 7.52
C VAL E 26 6.99 -11.40 7.70
N TRP E 27 7.13 -12.17 6.61
CA TRP E 27 7.88 -13.43 6.65
C TRP E 27 9.32 -13.16 7.16
N GLY E 28 9.98 -12.16 6.57
CA GLY E 28 11.36 -11.82 6.92
C GLY E 28 11.51 -11.46 8.40
N ILE E 29 10.59 -10.62 8.90
CA ILE E 29 10.60 -10.26 10.32
C ILE E 29 10.41 -11.47 11.22
N LYS E 30 9.47 -12.34 10.87
CA LYS E 30 9.27 -13.55 11.68
C LYS E 30 10.49 -14.47 11.71
N GLN E 31 11.23 -14.54 10.60
CA GLN E 31 12.40 -15.43 10.53
C GLN E 31 13.47 -14.90 11.46
N LEU E 32 13.69 -13.59 11.38
CA LEU E 32 14.74 -12.95 12.19
C LEU E 32 14.38 -13.01 13.67
N GLN E 33 13.10 -12.80 13.99
CA GLN E 33 12.63 -12.86 15.38
C GLN E 33 12.87 -14.26 15.96
N ALA E 34 12.53 -15.28 15.19
CA ALA E 34 12.74 -16.68 15.61
C ALA E 34 14.22 -16.96 15.89
N ARG E 35 15.12 -16.38 15.09
CA ARG E 35 16.57 -16.59 15.25
C ARG E 35 17.13 -15.93 16.51
N ILE E 36 16.58 -14.76 16.87
CA ILE E 36 17.05 -13.96 18.01
C ILE E 36 16.34 -14.38 19.29
N LEU E 37 15.00 -14.46 19.44
CA LEU E 37 14.14 -14.62 20.62
C LEU E 37 13.47 -15.97 20.68
N NH2 E 38 13.34 -16.68 19.57
C ACE F 1 14.63 -18.11 1.75
O ACE F 1 13.97 -17.50 0.90
CH3 ACE F 1 14.06 -19.31 2.45
N TRP F 2 15.76 -17.62 2.29
CA TRP F 2 16.24 -16.27 2.01
C TRP F 2 16.57 -16.02 0.54
N MET F 3 17.07 -17.04 -0.15
CA MET F 3 17.35 -16.91 -1.60
C MET F 3 16.06 -16.72 -2.40
N GLU F 4 15.03 -17.50 -2.05
CA GLU F 4 13.70 -17.39 -2.67
C GLU F 4 13.08 -16.03 -2.30
N TRP F 5 13.25 -15.63 -1.05
CA TRP F 5 12.77 -14.33 -0.57
C TRP F 5 13.36 -13.19 -1.41
N ASP F 6 14.68 -13.21 -1.61
CA ASP F 6 15.37 -12.17 -2.41
C ASP F 6 14.78 -12.08 -3.83
N ARG F 7 14.54 -13.24 -4.45
CA ARG F 7 13.98 -13.30 -5.80
C ARG F 7 12.58 -12.69 -5.83
N GLU F 8 11.74 -13.05 -4.86
CA GLU F 8 10.36 -12.57 -4.79
C GLU F 8 10.29 -11.07 -4.47
N ILE F 9 11.16 -10.60 -3.59
CA ILE F 9 11.27 -9.15 -3.33
C ILE F 9 11.58 -8.41 -4.64
N ASN F 10 12.53 -8.93 -5.41
CA ASN F 10 12.90 -8.29 -6.68
C ASN F 10 11.76 -8.26 -7.70
N LYS F 11 11.07 -9.39 -7.86
CA LYS F 11 9.98 -9.51 -8.81
C LYS F 11 8.85 -8.53 -8.48
N TYR F 12 8.46 -8.47 -7.20
CA TYR F 12 7.35 -7.60 -6.80
C TYR F 12 7.76 -6.13 -6.80
N THR F 13 9.01 -5.83 -6.44
CA THR F 13 9.50 -4.45 -6.53
C THR F 13 9.43 -3.95 -7.98
N SER F 14 9.85 -4.81 -8.91
CA SER F 14 9.79 -4.49 -10.34
C SER F 14 8.35 -4.26 -10.81
N LEU F 15 7.44 -5.17 -10.42
CA LEU F 15 6.04 -5.07 -10.81
C LEU F 15 5.40 -3.78 -10.30
N ILE F 16 5.60 -3.48 -9.01
CA ILE F 16 5.03 -2.26 -8.42
C ILE F 16 5.54 -1.00 -9.13
N HIS F 17 6.84 -0.97 -9.44
CA HIS F 17 7.40 0.17 -10.16
C HIS F 17 6.71 0.38 -11.50
N SER F 18 6.56 -0.71 -12.26
CA SER F 18 5.83 -0.69 -13.54
C SER F 18 4.39 -0.18 -13.39
N LEU F 19 3.70 -0.64 -12.35
CA LEU F 19 2.30 -0.25 -12.11
C LEU F 19 2.20 1.24 -11.72
N ILE F 20 3.12 1.70 -10.89
CA ILE F 20 3.11 3.11 -10.50
C ILE F 20 3.38 4.01 -11.73
N GLU F 21 4.34 3.61 -12.56
CA GLU F 21 4.62 4.37 -13.79
C GLU F 21 3.40 4.41 -14.71
N GLN F 22 2.77 3.25 -14.89
CA GLN F 22 1.55 3.14 -15.69
C GLN F 22 0.44 4.03 -15.12
N SER F 23 0.28 4.00 -13.80
CA SER F 23 -0.70 4.84 -13.11
C SER F 23 -0.42 6.34 -13.27
N GLN F 24 0.85 6.72 -13.17
CA GLN F 24 1.22 8.13 -13.36
C GLN F 24 0.85 8.61 -14.77
N ASN F 25 1.18 7.79 -15.78
CA ASN F 25 0.84 8.13 -17.16
C ASN F 25 -0.67 8.24 -17.39
N GLN F 26 -1.42 7.29 -16.82
CA GLN F 26 -2.89 7.32 -16.96
C GLN F 26 -3.49 8.52 -16.23
N GLN F 27 -2.91 8.89 -15.09
CA GLN F 27 -3.38 10.04 -14.30
C GLN F 27 -3.25 11.32 -15.10
N GLU F 28 -2.10 11.49 -15.74
CA GLU F 28 -1.86 12.66 -16.60
C GLU F 28 -2.82 12.72 -17.79
N LYS F 29 -3.07 11.57 -18.40
CA LYS F 29 -4.03 11.46 -19.51
C LYS F 29 -5.44 11.83 -19.04
N ASN F 30 -5.85 11.28 -17.90
CA ASN F 30 -7.17 11.58 -17.34
C ASN F 30 -7.37 13.06 -17.03
N GLU F 31 -6.34 13.69 -16.47
CA GLU F 31 -6.40 15.11 -16.13
C GLU F 31 -6.53 15.99 -17.38
N GLN F 32 -5.82 15.63 -18.44
CA GLN F 32 -5.93 16.31 -19.74
C GLN F 32 -7.33 16.15 -20.33
N GLU F 33 -7.90 14.96 -20.17
CA GLU F 33 -9.20 14.64 -20.76
C GLU F 33 -10.36 15.41 -20.09
N LEU F 34 -10.13 15.96 -18.90
CA LEU F 34 -11.14 16.78 -18.21
C LEU F 34 -11.54 18.02 -19.01
N LEU F 35 -10.60 18.47 -19.83
CA LEU F 35 -10.82 19.73 -20.54
C LEU F 35 -11.70 19.53 -21.75
N NH2 F 36 -12.05 18.29 -22.09
C1 MPD G . -22.47 12.61 2.35
C2 MPD G . -23.19 12.37 3.67
O2 MPD G . -22.47 13.05 4.73
CM MPD G . -24.61 12.96 3.60
C3 MPD G . -23.26 10.88 4.05
C4 MPD G . -21.94 10.11 4.00
O4 MPD G . -21.17 10.36 5.16
C5 MPD G . -22.21 8.61 3.87
CL CL H . -9.81 5.31 -7.65
CL CL I . 7.46 -10.57 23.75
#